data_4O9W
#
_entry.id   4O9W
#
_cell.length_a   35.649
_cell.length_b   51.858
_cell.length_c   57.654
_cell.angle_alpha   90.00
_cell.angle_beta   100.69
_cell.angle_gamma   90.00
#
_symmetry.space_group_name_H-M   'P 1 21 1'
#
loop_
_entity.id
_entity.type
_entity.pdbx_description
1 polymer 'Serine/threonine-protein kinase PLK1'
2 polymer 'phospho peptide VAL-LEU-SER-TPO-LEU-NH2'
3 water water
#
loop_
_entity_poly.entity_id
_entity_poly.type
_entity_poly.pdbx_seq_one_letter_code
_entity_poly.pdbx_strand_id
1 'polypeptide(L)'
;HLSDMLQQLHSVNASKPSERGLVRQEEAEDPACIPIFWVSKWVDYSDKYGLGYQLCDNSVGVLFNDSTRLILYNDGDSLQ
YIERDGTESYLTVSSHPNSLMKKITLLKYFRNYMSEHLLKAGANITPREGDELARLPYLRTWFRTRSAIILHLSNGSVQI
NFFQDHTKLILCPLMAAVTYIDEKRDFRTYRLSLLEEYGCCKELASRLRYARTMVDKLLSSR
;
A
2 'polypeptide(L)' VLS(TPO)L(NH2) B
#
loop_
_chem_comp.id
_chem_comp.type
_chem_comp.name
_chem_comp.formula
NH2 non-polymer 'AMINO GROUP' 'H2 N'
#
# COMPACT_ATOMS: atom_id res chain seq x y z
N HIS A 1 -12.27 -1.42 8.05
CA HIS A 1 -12.71 -1.37 6.66
C HIS A 1 -12.43 -2.66 5.90
N LEU A 2 -11.67 -3.58 6.50
CA LEU A 2 -11.32 -4.81 5.81
C LEU A 2 -12.52 -5.66 5.41
N SER A 3 -13.52 -5.77 6.29
CA SER A 3 -14.68 -6.57 5.94
C SER A 3 -15.47 -5.95 4.78
N ASP A 4 -15.50 -4.62 4.71
CA ASP A 4 -16.14 -3.97 3.59
C ASP A 4 -15.40 -4.24 2.28
N MET A 5 -14.08 -4.19 2.35
CA MET A 5 -13.26 -4.54 1.19
C MET A 5 -13.53 -5.98 0.76
N LEU A 6 -13.59 -6.89 1.73
CA LEU A 6 -13.90 -8.29 1.43
C LEU A 6 -15.25 -8.42 0.72
N GLN A 7 -16.26 -7.72 1.20
CA GLN A 7 -17.58 -7.80 0.57
C GLN A 7 -17.55 -7.24 -0.85
N GLN A 8 -16.84 -6.13 -1.04
CA GLN A 8 -16.72 -5.51 -2.35
C GLN A 8 -16.05 -6.47 -3.34
N LEU A 9 -15.00 -7.14 -2.86
CA LEU A 9 -14.29 -8.12 -3.68
C LEU A 9 -15.13 -9.36 -3.96
N HIS A 10 -15.84 -9.86 -2.95
CA HIS A 10 -16.80 -10.95 -3.15
C HIS A 10 -17.77 -10.59 -4.27
N SER A 11 -18.34 -9.39 -4.22
CA SER A 11 -19.34 -9.00 -5.19
C SER A 11 -18.78 -8.95 -6.61
N VAL A 12 -17.62 -8.33 -6.79
CA VAL A 12 -17.07 -8.22 -8.12
C VAL A 12 -16.65 -9.59 -8.64
N ASN A 13 -16.01 -10.40 -7.80
CA ASN A 13 -15.57 -11.72 -8.23
C ASN A 13 -16.76 -12.63 -8.56
N ALA A 14 -17.85 -12.49 -7.82
CA ALA A 14 -19.03 -13.34 -8.05
C ALA A 14 -19.71 -12.98 -9.36
N SER A 15 -19.50 -11.75 -9.82
CA SER A 15 -20.12 -11.29 -11.06
C SER A 15 -19.39 -11.86 -12.28
N LYS A 16 -18.28 -12.57 -12.04
CA LYS A 16 -17.46 -13.17 -13.10
C LYS A 16 -17.17 -12.21 -14.25
N PRO A 17 -16.44 -11.12 -13.96
CA PRO A 17 -16.31 -9.98 -14.86
C PRO A 17 -15.60 -10.29 -16.19
N SER A 18 -14.74 -11.30 -16.20
CA SER A 18 -14.05 -11.65 -17.44
C SER A 18 -14.81 -12.75 -18.18
N GLU A 19 -15.92 -13.15 -17.58
CA GLU A 19 -16.86 -14.17 -18.10
C GLU A 19 -16.27 -15.56 -18.05
N LEU A 22 -19.38 -9.15 -23.89
CA LEU A 22 -18.53 -8.04 -24.28
C LEU A 22 -17.99 -7.28 -23.06
N VAL A 23 -16.68 -7.29 -22.92
CA VAL A 23 -16.03 -6.56 -21.84
C VAL A 23 -15.83 -5.10 -22.23
N ARG A 24 -16.32 -4.20 -21.38
CA ARG A 24 -16.23 -2.76 -21.59
C ARG A 24 -15.49 -2.12 -20.41
N GLN A 25 -14.28 -2.61 -20.19
CA GLN A 25 -13.46 -2.26 -19.02
C GLN A 25 -13.21 -0.77 -18.90
N GLU A 26 -13.02 -0.12 -20.04
CA GLU A 26 -12.79 1.33 -20.06
C GLU A 26 -13.93 2.13 -19.41
N GLU A 27 -15.15 1.62 -19.49
CA GLU A 27 -16.28 2.36 -18.94
C GLU A 27 -16.37 2.24 -17.43
N ALA A 28 -15.53 1.39 -16.86
CA ALA A 28 -15.49 1.18 -15.43
C ALA A 28 -14.48 2.11 -14.76
N GLU A 29 -13.70 2.83 -15.57
CA GLU A 29 -12.70 3.75 -15.01
C GLU A 29 -13.39 4.92 -14.35
N ASP A 30 -12.85 5.38 -13.23
CA ASP A 30 -13.36 6.60 -12.58
C ASP A 30 -12.23 7.45 -12.02
N PRO A 31 -11.87 8.52 -12.74
CA PRO A 31 -10.80 9.46 -12.38
C PRO A 31 -11.03 10.14 -11.03
N ALA A 32 -12.29 10.22 -10.60
CA ALA A 32 -12.59 10.86 -9.33
C ALA A 32 -12.19 10.00 -8.13
N CYS A 33 -11.84 8.75 -8.40
CA CYS A 33 -11.55 7.79 -7.34
C CYS A 33 -10.06 7.53 -7.17
N ILE A 34 -9.22 8.26 -7.90
CA ILE A 34 -7.77 8.13 -7.76
C ILE A 34 -7.31 8.32 -6.31
N PRO A 35 -6.50 7.37 -5.80
CA PRO A 35 -6.13 7.46 -4.38
C PRO A 35 -5.18 8.64 -4.09
N ILE A 36 -5.20 9.08 -2.84
CA ILE A 36 -4.30 10.12 -2.37
C ILE A 36 -2.96 9.52 -1.99
N PHE A 37 -3.00 8.36 -1.31
CA PHE A 37 -1.80 7.74 -0.79
C PHE A 37 -1.66 6.31 -1.26
N TRP A 38 -0.43 5.96 -1.61
CA TRP A 38 -0.06 4.57 -1.83
C TRP A 38 1.42 4.44 -1.54
N VAL A 39 1.90 3.21 -1.44
CA VAL A 39 3.30 2.97 -1.17
C VAL A 39 4.09 2.98 -2.47
N SER A 40 5.05 3.90 -2.57
CA SER A 40 5.83 4.03 -3.79
C SER A 40 7.13 3.23 -3.77
N LYS A 41 7.67 2.96 -2.58
CA LYS A 41 8.92 2.21 -2.46
C LYS A 41 8.92 1.48 -1.13
N TRP A 42 9.64 0.37 -1.03
CA TRP A 42 9.76 -0.28 0.27
C TRP A 42 11.05 -1.07 0.35
N VAL A 43 11.50 -1.29 1.58
CA VAL A 43 12.70 -2.05 1.84
C VAL A 43 12.42 -2.96 3.02
N ASP A 44 12.52 -4.27 2.78
CA ASP A 44 12.30 -5.25 3.82
C ASP A 44 13.62 -5.56 4.55
N TYR A 45 13.82 -4.92 5.70
CA TYR A 45 14.96 -5.20 6.57
C TYR A 45 14.50 -5.90 7.83
N SER A 46 13.46 -6.73 7.75
CA SER A 46 12.78 -7.20 8.95
C SER A 46 13.56 -8.27 9.73
N ASP A 47 14.68 -8.73 9.18
CA ASP A 47 15.47 -9.70 9.94
C ASP A 47 16.29 -9.00 11.02
N LYS A 48 16.34 -7.67 10.94
CA LYS A 48 17.07 -6.88 11.92
C LYS A 48 16.30 -5.69 12.48
N TYR A 49 15.71 -4.89 11.59
CA TYR A 49 15.15 -3.61 12.01
C TYR A 49 13.66 -3.50 11.77
N GLY A 50 13.23 -3.82 10.55
CA GLY A 50 11.81 -3.78 10.22
C GLY A 50 11.62 -3.43 8.76
N LEU A 51 10.43 -2.94 8.42
CA LEU A 51 10.11 -2.65 7.03
C LEU A 51 9.99 -1.15 6.83
N GLY A 52 10.82 -0.61 5.95
CA GLY A 52 10.77 0.81 5.64
C GLY A 52 9.98 1.01 4.37
N TYR A 53 9.34 2.16 4.24
CA TYR A 53 8.57 2.42 3.05
C TYR A 53 8.45 3.91 2.80
N GLN A 54 8.22 4.25 1.54
CA GLN A 54 7.97 5.62 1.16
C GLN A 54 6.55 5.69 0.61
N LEU A 55 5.79 6.70 1.02
CA LEU A 55 4.48 6.95 0.41
C LEU A 55 4.66 7.86 -0.79
N CYS A 56 3.63 7.94 -1.62
CA CYS A 56 3.74 8.69 -2.87
C CYS A 56 3.92 10.19 -2.67
N ASP A 57 3.72 10.68 -1.45
CA ASP A 57 3.92 12.09 -1.15
C ASP A 57 5.32 12.36 -0.60
N ASN A 58 6.17 11.34 -0.68
CA ASN A 58 7.57 11.41 -0.22
C ASN A 58 7.75 11.35 1.30
N SER A 59 6.67 11.18 2.05
CA SER A 59 6.81 10.85 3.47
C SER A 59 7.38 9.44 3.56
N VAL A 60 8.04 9.13 4.67
CA VAL A 60 8.60 7.80 4.84
C VAL A 60 8.18 7.24 6.18
N GLY A 61 8.17 5.92 6.30
CA GLY A 61 7.77 5.30 7.54
C GLY A 61 8.53 4.02 7.74
N VAL A 62 8.61 3.60 8.98
CA VAL A 62 9.17 2.29 9.30
C VAL A 62 8.23 1.59 10.25
N LEU A 63 7.95 0.33 9.98
CA LEU A 63 7.29 -0.54 10.96
C LEU A 63 8.39 -1.42 11.56
N PHE A 64 8.81 -1.09 12.78
CA PHE A 64 9.96 -1.76 13.39
C PHE A 64 9.58 -3.13 13.93
N ASN A 65 10.60 -3.96 14.16
CA ASN A 65 10.37 -5.32 14.63
C ASN A 65 9.69 -5.40 16.00
N ASP A 66 9.78 -4.33 16.79
CA ASP A 66 9.11 -4.30 18.09
C ASP A 66 7.66 -3.83 17.97
N SER A 67 7.17 -3.80 16.73
CA SER A 67 5.80 -3.44 16.39
C SER A 67 5.46 -1.97 16.71
N THR A 68 6.49 -1.13 16.74
CA THR A 68 6.26 0.32 16.79
C THR A 68 6.44 0.90 15.39
N ARG A 69 6.00 2.14 15.23
CA ARG A 69 6.05 2.78 13.92
C ARG A 69 6.56 4.19 14.06
N LEU A 70 7.40 4.60 13.13
CA LEU A 70 7.86 5.98 13.09
C LEU A 70 7.66 6.49 11.68
N ILE A 71 7.05 7.66 11.56
CA ILE A 71 6.75 8.24 10.26
C ILE A 71 7.42 9.60 10.20
N LEU A 72 8.16 9.85 9.12
CA LEU A 72 8.70 11.17 8.86
C LEU A 72 7.92 11.84 7.76
N TYR A 73 7.32 12.98 8.06
CA TYR A 73 6.53 13.74 7.08
C TYR A 73 7.40 14.28 5.95
N ASN A 74 6.78 14.64 4.84
CA ASN A 74 7.57 15.07 3.69
C ASN A 74 8.33 16.39 3.90
N ASP A 75 8.03 17.10 4.98
CA ASP A 75 8.79 18.30 5.30
C ASP A 75 10.20 17.96 5.80
N GLY A 76 10.41 16.69 6.12
CA GLY A 76 11.73 16.21 6.49
C GLY A 76 12.12 16.47 7.94
N ASP A 77 11.17 16.92 8.75
CA ASP A 77 11.45 17.15 10.17
C ASP A 77 10.35 16.67 11.09
N SER A 78 9.09 16.82 10.66
CA SER A 78 7.97 16.46 11.51
C SER A 78 7.82 14.94 11.61
N LEU A 79 7.62 14.45 12.83
CA LEU A 79 7.60 13.02 13.10
C LEU A 79 6.33 12.59 13.80
N GLN A 80 5.84 11.40 13.46
CA GLN A 80 4.81 10.75 14.24
C GLN A 80 5.34 9.42 14.74
N TYR A 81 5.20 9.18 16.04
CA TYR A 81 5.59 7.90 16.61
C TYR A 81 4.37 7.18 17.15
N ILE A 82 4.23 5.91 16.78
CA ILE A 82 3.07 5.14 17.21
C ILE A 82 3.55 3.92 18.00
N GLU A 83 3.19 3.86 19.27
CA GLU A 83 3.60 2.76 20.13
C GLU A 83 2.82 1.50 19.76
N ARG A 84 3.17 0.38 20.37
CA ARG A 84 2.50 -0.87 20.05
C ARG A 84 1.00 -0.79 20.37
N ASP A 85 0.67 -0.16 21.48
CA ASP A 85 -0.72 0.00 21.91
C ASP A 85 -1.55 0.77 20.89
N GLY A 86 -0.88 1.58 20.06
CA GLY A 86 -1.54 2.38 19.06
C GLY A 86 -1.51 3.87 19.40
N THR A 87 -0.92 4.19 20.55
CA THR A 87 -0.82 5.58 21.02
C THR A 87 0.13 6.39 20.13
N GLU A 88 -0.37 7.55 19.67
CA GLU A 88 0.41 8.41 18.78
C GLU A 88 1.05 9.56 19.52
N SER A 89 2.29 9.87 19.13
CA SER A 89 2.99 11.04 19.64
C SER A 89 3.54 11.82 18.46
N TYR A 90 3.57 13.15 18.58
CA TYR A 90 4.06 14.02 17.52
C TYR A 90 5.27 14.81 17.97
N LEU A 91 6.34 14.74 17.19
CA LEU A 91 7.63 15.31 17.55
C LEU A 91 8.30 15.84 16.30
N THR A 92 9.57 16.22 16.42
CA THR A 92 10.42 16.52 15.26
C THR A 92 11.79 15.90 15.40
N VAL A 93 12.51 15.86 14.30
CA VAL A 93 13.90 15.42 14.32
C VAL A 93 14.74 16.45 15.08
N SER A 94 14.39 17.73 14.96
CA SER A 94 15.17 18.78 15.61
C SER A 94 14.96 18.80 17.13
N SER A 95 13.84 18.23 17.58
CA SER A 95 13.54 18.17 19.01
C SER A 95 12.84 16.87 19.38
N HIS A 96 13.62 15.86 19.72
CA HIS A 96 13.08 14.54 20.06
C HIS A 96 13.69 14.02 21.34
N PRO A 97 13.00 13.06 22.00
CA PRO A 97 13.67 12.51 23.18
C PRO A 97 14.82 11.63 22.74
N ASN A 98 15.86 11.64 23.55
CA ASN A 98 17.00 10.74 23.44
C ASN A 98 16.58 9.29 23.21
N SER A 99 15.43 8.91 23.75
CA SER A 99 14.93 7.54 23.69
C SER A 99 14.60 7.06 22.27
N LEU A 100 14.31 8.01 21.38
CA LEU A 100 13.98 7.67 19.99
C LEU A 100 15.12 7.88 19.03
N MET A 101 16.31 8.20 19.56
CA MET A 101 17.44 8.53 18.70
C MET A 101 17.79 7.40 17.75
N LYS A 102 17.87 6.19 18.29
CA LYS A 102 18.17 4.98 17.53
C LYS A 102 17.21 4.83 16.35
N LYS A 103 15.92 4.95 16.64
CA LYS A 103 14.90 4.73 15.63
C LYS A 103 14.90 5.82 14.56
N ILE A 104 15.14 7.06 14.98
CA ILE A 104 15.14 8.17 14.02
C ILE A 104 16.31 8.02 13.08
N THR A 105 17.44 7.59 13.61
CA THR A 105 18.63 7.45 12.80
C THR A 105 18.41 6.33 11.78
N LEU A 106 17.81 5.22 12.22
CA LEU A 106 17.44 4.16 11.29
C LEU A 106 16.50 4.67 10.21
N LEU A 107 15.46 5.41 10.57
CA LEU A 107 14.55 5.95 9.57
C LEU A 107 15.28 6.80 8.53
N LYS A 108 16.19 7.67 8.97
CA LYS A 108 16.91 8.53 8.03
C LYS A 108 17.73 7.71 7.02
N TYR A 109 18.32 6.62 7.48
CA TYR A 109 19.08 5.76 6.59
C TYR A 109 18.17 5.12 5.55
N PHE A 110 17.01 4.62 5.98
CA PHE A 110 16.03 4.04 5.07
C PHE A 110 15.59 5.08 4.06
N ARG A 111 15.30 6.27 4.56
CA ARG A 111 14.84 7.37 3.74
C ARG A 111 15.85 7.71 2.64
N ASN A 112 17.10 7.90 3.03
CA ASN A 112 18.14 8.22 2.06
C ASN A 112 18.33 7.14 1.00
N TYR A 113 18.28 5.87 1.43
CA TYR A 113 18.48 4.76 0.53
C TYR A 113 17.35 4.67 -0.48
N MET A 114 16.11 4.79 -0.02
CA MET A 114 14.99 4.66 -0.93
C MET A 114 15.02 5.75 -1.99
N SER A 115 15.29 6.96 -1.54
CA SER A 115 15.40 8.12 -2.41
C SER A 115 16.45 7.93 -3.50
N GLU A 116 17.58 7.34 -3.14
CA GLU A 116 18.69 7.17 -4.08
C GLU A 116 18.57 5.95 -5.00
N HIS A 117 17.90 4.90 -4.55
CA HIS A 117 18.10 3.58 -5.19
C HIS A 117 16.88 2.88 -5.76
N LEU A 118 15.69 3.37 -5.44
CA LEU A 118 14.47 2.65 -5.81
C LEU A 118 13.56 3.46 -6.72
N LEU A 119 12.84 2.76 -7.58
CA LEU A 119 11.90 3.37 -8.51
C LEU A 119 10.66 3.82 -7.75
N LYS A 120 10.13 5.00 -8.05
CA LYS A 120 8.91 5.46 -7.39
C LYS A 120 7.67 4.92 -8.10
N ALA A 121 6.97 3.99 -7.47
CA ALA A 121 5.75 3.44 -8.04
C ALA A 121 4.68 4.54 -8.21
N GLY A 122 4.02 4.56 -9.36
CA GLY A 122 2.98 5.55 -9.62
C GLY A 122 3.52 6.96 -9.80
N ALA A 123 4.78 7.06 -10.20
CA ALA A 123 5.45 8.37 -10.28
C ALA A 123 4.75 9.32 -11.26
N ASN A 124 4.06 8.76 -12.24
CA ASN A 124 3.39 9.55 -13.26
C ASN A 124 1.97 10.01 -12.87
N ILE A 125 1.69 10.02 -11.57
CA ILE A 125 0.36 10.38 -11.07
C ILE A 125 0.45 11.44 -9.98
N THR A 126 -0.43 12.43 -10.03
CA THR A 126 -0.64 13.33 -8.90
C THR A 126 -1.87 12.90 -8.10
N LEU A 136 0.17 10.76 5.90
CA LEU A 136 -0.91 10.71 6.89
C LEU A 136 -1.27 9.29 7.39
N PRO A 137 -1.49 8.31 6.48
CA PRO A 137 -1.66 6.97 7.05
C PRO A 137 -0.30 6.34 7.36
N TYR A 138 -0.31 5.34 8.24
CA TYR A 138 0.89 4.55 8.50
C TYR A 138 0.63 3.11 8.13
N LEU A 139 1.71 2.32 8.07
CA LEU A 139 1.60 0.90 7.75
C LEU A 139 1.13 0.11 8.98
N ARG A 140 -0.07 -0.47 8.88
CA ARG A 140 -0.65 -1.22 10.00
C ARG A 140 0.04 -2.58 10.10
N THR A 141 0.04 -3.32 9.00
CA THR A 141 0.80 -4.54 8.92
C THR A 141 1.11 -4.86 7.47
N TRP A 142 1.94 -5.86 7.27
CA TRP A 142 2.30 -6.30 5.94
C TRP A 142 2.70 -7.77 6.00
N PHE A 143 2.64 -8.42 4.85
CA PHE A 143 3.26 -9.73 4.74
C PHE A 143 3.66 -9.97 3.30
N ARG A 144 4.51 -10.97 3.09
CA ARG A 144 4.92 -11.33 1.75
C ARG A 144 4.54 -12.76 1.49
N THR A 145 4.20 -13.04 0.25
CA THR A 145 4.04 -14.41 -0.20
C THR A 145 5.13 -14.63 -1.22
N ARG A 146 5.19 -15.80 -1.84
CA ARG A 146 6.12 -15.99 -2.93
C ARG A 146 5.82 -15.05 -4.09
N SER A 147 4.55 -14.65 -4.23
CA SER A 147 4.10 -13.93 -5.41
C SER A 147 4.03 -12.42 -5.26
N ALA A 148 3.87 -11.95 -4.03
CA ALA A 148 3.51 -10.56 -3.81
C ALA A 148 3.86 -10.06 -2.43
N ILE A 149 3.89 -8.75 -2.27
CA ILE A 149 3.90 -8.17 -0.93
C ILE A 149 2.56 -7.47 -0.74
N ILE A 150 2.03 -7.60 0.46
CA ILE A 150 0.71 -7.11 0.81
C ILE A 150 0.90 -6.07 1.90
N LEU A 151 0.41 -4.86 1.66
CA LEU A 151 0.60 -3.74 2.56
C LEU A 151 -0.76 -3.20 3.02
N HIS A 152 -0.98 -3.18 4.33
CA HIS A 152 -2.25 -2.72 4.86
C HIS A 152 -2.04 -1.38 5.56
N LEU A 153 -2.61 -0.32 5.01
CA LEU A 153 -2.43 1.04 5.55
C LEU A 153 -3.51 1.41 6.55
N SER A 154 -3.18 2.33 7.46
CA SER A 154 -4.09 2.69 8.55
C SER A 154 -5.35 3.41 8.08
N ASN A 155 -5.39 3.86 6.83
CA ASN A 155 -6.61 4.47 6.31
C ASN A 155 -7.60 3.48 5.69
N GLY A 156 -7.24 2.20 5.74
CA GLY A 156 -8.09 1.15 5.22
C GLY A 156 -7.62 0.60 3.89
N SER A 157 -6.76 1.33 3.20
CA SER A 157 -6.28 0.90 1.89
C SER A 157 -5.41 -0.36 1.99
N VAL A 158 -5.49 -1.21 0.97
CA VAL A 158 -4.64 -2.40 0.93
C VAL A 158 -3.94 -2.39 -0.40
N GLN A 159 -2.61 -2.50 -0.38
CA GLN A 159 -1.85 -2.49 -1.62
C GLN A 159 -1.21 -3.85 -1.82
N ILE A 160 -1.27 -4.35 -3.04
CA ILE A 160 -0.65 -5.63 -3.36
C ILE A 160 0.28 -5.44 -4.55
N ASN A 161 1.56 -5.72 -4.33
CA ASN A 161 2.58 -5.57 -5.38
C ASN A 161 3.05 -6.95 -5.80
N PHE A 162 2.81 -7.30 -7.05
CA PHE A 162 3.19 -8.61 -7.55
C PHE A 162 4.63 -8.59 -8.06
N PHE A 163 5.45 -9.54 -7.59
CA PHE A 163 6.88 -9.51 -7.86
C PHE A 163 7.28 -9.83 -9.30
N GLN A 164 6.69 -10.86 -9.89
CA GLN A 164 7.21 -11.36 -11.17
C GLN A 164 6.95 -10.42 -12.35
N ASP A 165 5.77 -9.81 -12.38
CA ASP A 165 5.43 -8.93 -13.48
C ASP A 165 5.34 -7.45 -13.13
N HIS A 166 5.60 -7.12 -11.86
CA HIS A 166 5.62 -5.72 -11.37
C HIS A 166 4.28 -5.00 -11.44
N THR A 167 3.20 -5.76 -11.53
CA THR A 167 1.86 -5.16 -11.51
C THR A 167 1.45 -4.93 -10.05
N LYS A 168 0.56 -3.96 -9.85
CA LYS A 168 0.19 -3.54 -8.51
C LYS A 168 -1.29 -3.25 -8.42
N LEU A 169 -1.90 -3.61 -7.29
CA LEU A 169 -3.26 -3.18 -7.00
C LEU A 169 -3.28 -2.29 -5.78
N ILE A 170 -4.07 -1.23 -5.84
CA ILE A 170 -4.33 -0.43 -4.64
C ILE A 170 -5.83 -0.44 -4.41
N LEU A 171 -6.25 -1.05 -3.31
CA LEU A 171 -7.67 -1.20 -2.99
C LEU A 171 -8.12 -0.18 -1.97
N CYS A 172 -9.17 0.57 -2.31
CA CYS A 172 -9.65 1.63 -1.44
C CYS A 172 -11.10 1.38 -1.08
N PRO A 173 -11.34 0.92 0.14
CA PRO A 173 -12.70 0.47 0.51
C PRO A 173 -13.65 1.63 0.71
N LEU A 174 -13.13 2.81 1.05
CA LEU A 174 -13.99 3.97 1.29
C LEU A 174 -14.62 4.48 -0.01
N MET A 175 -13.92 4.24 -1.11
CA MET A 175 -14.41 4.63 -2.42
C MET A 175 -14.92 3.43 -3.20
N ALA A 176 -14.74 2.25 -2.61
CA ALA A 176 -15.01 0.97 -3.28
C ALA A 176 -14.38 0.99 -4.66
N ALA A 177 -13.10 1.32 -4.68
CA ALA A 177 -12.38 1.45 -5.94
C ALA A 177 -11.09 0.64 -5.88
N VAL A 178 -10.54 0.36 -7.05
CA VAL A 178 -9.26 -0.31 -7.16
C VAL A 178 -8.45 0.39 -8.24
N THR A 179 -7.18 0.64 -7.95
CA THR A 179 -6.26 1.13 -8.95
C THR A 179 -5.36 0.00 -9.37
N TYR A 180 -5.20 -0.17 -10.69
CA TYR A 180 -4.36 -1.22 -11.23
C TYR A 180 -3.22 -0.56 -12.00
N ILE A 181 -1.99 -0.89 -11.64
CA ILE A 181 -0.81 -0.44 -12.39
C ILE A 181 -0.30 -1.65 -13.15
N ASP A 182 -0.31 -1.59 -14.49
CA ASP A 182 0.08 -2.76 -15.28
C ASP A 182 1.56 -2.83 -15.61
N GLU A 183 1.92 -3.81 -16.44
CA GLU A 183 3.33 -4.06 -16.77
C GLU A 183 4.03 -2.90 -17.48
N LYS A 184 3.25 -2.07 -18.17
CA LYS A 184 3.79 -0.89 -18.86
C LYS A 184 3.73 0.33 -17.96
N ARG A 185 3.31 0.12 -16.71
CA ARG A 185 3.18 1.18 -15.71
C ARG A 185 2.05 2.18 -15.98
N ASP A 186 1.08 1.75 -16.78
CA ASP A 186 -0.14 2.53 -16.94
C ASP A 186 -1.02 2.32 -15.70
N PHE A 187 -1.58 3.41 -15.21
CA PHE A 187 -2.25 3.49 -13.90
C PHE A 187 -3.71 3.83 -14.19
N ARG A 188 -4.60 2.88 -13.90
CA ARG A 188 -6.03 3.07 -14.12
C ARG A 188 -6.77 2.82 -12.82
N THR A 189 -7.74 3.67 -12.52
CA THR A 189 -8.55 3.51 -11.32
C THR A 189 -9.99 3.14 -11.70
N TYR A 190 -10.50 2.07 -11.11
CA TYR A 190 -11.82 1.54 -11.45
C TYR A 190 -12.74 1.57 -10.24
N ARG A 191 -14.01 1.88 -10.45
CA ARG A 191 -15.01 1.61 -9.43
C ARG A 191 -15.33 0.12 -9.46
N LEU A 192 -15.29 -0.53 -8.30
CA LEU A 192 -15.52 -1.97 -8.28
C LEU A 192 -16.91 -2.35 -8.78
N SER A 193 -17.91 -1.54 -8.45
CA SER A 193 -19.28 -1.83 -8.88
C SER A 193 -19.44 -1.65 -10.40
N LEU A 194 -18.60 -0.82 -11.00
CA LEU A 194 -18.58 -0.67 -12.46
C LEU A 194 -17.87 -1.84 -13.16
N LEU A 195 -16.91 -2.45 -12.47
CA LEU A 195 -16.30 -3.66 -13.02
C LEU A 195 -17.33 -4.77 -13.03
N GLU A 196 -18.19 -4.80 -12.02
CA GLU A 196 -19.31 -5.73 -12.03
C GLU A 196 -20.21 -5.45 -13.22
N GLU A 197 -20.44 -4.17 -13.48
CA GLU A 197 -21.39 -3.75 -14.51
C GLU A 197 -20.87 -3.96 -15.93
N TYR A 198 -19.57 -3.69 -16.12
CA TYR A 198 -19.00 -3.70 -17.48
C TYR A 198 -17.99 -4.81 -17.75
N GLY A 199 -17.50 -5.45 -16.70
CA GLY A 199 -16.55 -6.54 -16.87
C GLY A 199 -15.11 -6.07 -16.93
N CYS A 200 -14.18 -7.02 -17.03
CA CYS A 200 -12.78 -6.66 -17.19
C CYS A 200 -12.00 -7.83 -17.80
N CYS A 201 -10.75 -7.57 -18.18
CA CYS A 201 -9.89 -8.60 -18.77
C CYS A 201 -9.55 -9.70 -17.76
N LYS A 202 -9.15 -10.86 -18.26
CA LYS A 202 -8.82 -11.99 -17.39
C LYS A 202 -7.70 -11.66 -16.42
N GLU A 203 -6.74 -10.85 -16.88
CA GLU A 203 -5.58 -10.47 -16.08
C GLU A 203 -6.00 -9.78 -14.79
N LEU A 204 -6.76 -8.69 -14.93
CA LEU A 204 -7.27 -7.97 -13.77
C LEU A 204 -8.20 -8.84 -12.93
N ALA A 205 -9.07 -9.60 -13.58
CA ALA A 205 -9.98 -10.48 -12.85
C ALA A 205 -9.21 -11.47 -11.97
N SER A 206 -8.12 -12.00 -12.50
CA SER A 206 -7.28 -12.92 -11.74
C SER A 206 -6.64 -12.26 -10.52
N ARG A 207 -6.19 -11.01 -10.71
CA ARG A 207 -5.54 -10.28 -9.62
C ARG A 207 -6.54 -9.97 -8.52
N LEU A 208 -7.79 -9.73 -8.91
CA LEU A 208 -8.86 -9.45 -7.95
C LEU A 208 -9.26 -10.68 -7.14
N ARG A 209 -9.16 -11.87 -7.75
CA ARG A 209 -9.38 -13.12 -7.03
C ARG A 209 -8.27 -13.31 -6.01
N TYR A 210 -7.03 -13.06 -6.41
CA TYR A 210 -5.91 -13.13 -5.48
C TYR A 210 -6.09 -12.13 -4.34
N ALA A 211 -6.54 -10.93 -4.68
CA ALA A 211 -6.75 -9.88 -3.68
C ALA A 211 -7.73 -10.32 -2.61
N ARG A 212 -8.81 -10.98 -3.03
CA ARG A 212 -9.79 -11.46 -2.07
C ARG A 212 -9.12 -12.43 -1.08
N THR A 213 -8.30 -13.35 -1.59
CA THR A 213 -7.60 -14.30 -0.71
C THR A 213 -6.65 -13.58 0.25
N MET A 214 -6.00 -12.52 -0.22
CA MET A 214 -5.09 -11.74 0.63
C MET A 214 -5.81 -10.96 1.71
N VAL A 215 -6.98 -10.39 1.37
CA VAL A 215 -7.77 -9.66 2.36
C VAL A 215 -8.29 -10.62 3.43
N ASP A 216 -8.69 -11.81 2.99
CA ASP A 216 -9.07 -12.87 3.93
C ASP A 216 -7.93 -13.22 4.88
N LYS A 217 -6.70 -13.25 4.39
CA LYS A 217 -5.54 -13.48 5.25
C LYS A 217 -5.36 -12.38 6.30
N LEU A 218 -5.49 -11.13 5.88
CA LEU A 218 -5.42 -10.00 6.80
C LEU A 218 -6.49 -10.11 7.88
N LEU A 219 -7.70 -10.46 7.47
CA LEU A 219 -8.83 -10.56 8.39
C LEU A 219 -8.66 -11.69 9.40
N SER A 220 -8.02 -12.77 8.95
CA SER A 220 -7.89 -13.96 9.79
C SER A 220 -6.75 -13.84 10.79
N SER A 221 -5.85 -12.90 10.55
CA SER A 221 -4.68 -12.73 11.41
C SER A 221 -4.68 -11.44 12.22
N ARG A 222 -5.87 -10.82 12.32
CA ARG A 222 -6.03 -9.57 13.07
C ARG A 222 -5.49 -9.62 14.50
N VAL B 1 15.04 -7.82 1.16
CA VAL B 1 14.61 -7.60 -0.22
C VAL B 1 14.07 -6.16 -0.41
N LEU B 2 14.03 -5.73 -1.66
CA LEU B 2 13.71 -4.34 -1.99
C LEU B 2 12.58 -4.33 -2.98
N SER B 3 11.89 -3.20 -3.08
CA SER B 3 11.00 -2.95 -4.20
C SER B 3 11.86 -2.72 -5.44
N TPO B 4 11.22 -2.41 -6.57
CA TPO B 4 11.89 -2.35 -7.87
CB TPO B 4 10.84 -2.12 -8.97
CG2 TPO B 4 11.54 -2.03 -10.32
OG1 TPO B 4 10.01 -3.29 -8.97
P TPO B 4 8.48 -3.03 -8.49
O1P TPO B 4 7.89 -4.38 -8.59
O2P TPO B 4 8.46 -2.47 -6.99
O3P TPO B 4 7.79 -2.01 -9.52
C TPO B 4 12.99 -1.30 -7.92
O TPO B 4 12.81 -0.14 -7.49
N LEU B 5 14.16 -1.71 -8.43
CA LEU B 5 15.32 -0.81 -8.49
C LEU B 5 15.11 0.24 -9.57
N NH2 B 6 15.67 1.42 -9.35
#